data_5UA3
#
_entry.id   5UA3
#
_cell.length_a   30.103
_cell.length_b   33.100
_cell.length_c   33.282
_cell.angle_alpha   64.650
_cell.angle_beta   78.640
_cell.angle_gamma   81.780
#
_symmetry.space_group_name_H-M   'P 1'
#
loop_
_entity.id
_entity.type
_entity.pdbx_description
1 polymer "DNA (5'-D(*GP*GP*GP*TP*TP*GP*CP*GP*GP*AP*GP*GP*GP*TP*GP*GP*GP*CP*CP*T)-3')"
2 non-polymer 'POTASSIUM ION'
3 water water
#
_entity_poly.entity_id   1
_entity_poly.type   'polydeoxyribonucleotide'
_entity_poly.pdbx_seq_one_letter_code
;(DG)(DG)(DG)(DT)(DT)(DG)(DC)(DG)(DG)(DA)(DG)(DG)(DG)(DT)(DG)(DG)(DG)(DC)(DC)(DT)
;
_entity_poly.pdbx_strand_id   A,B
#
loop_
_chem_comp.id
_chem_comp.type
_chem_comp.name
_chem_comp.formula
DA DNA linking 2'-DEOXYADENOSINE-5'-MONOPHOSPHATE 'C10 H14 N5 O6 P'
DC DNA linking 2'-DEOXYCYTIDINE-5'-MONOPHOSPHATE 'C9 H14 N3 O7 P'
DG DNA linking 2'-DEOXYGUANOSINE-5'-MONOPHOSPHATE 'C10 H14 N5 O7 P'
DT DNA linking THYMIDINE-5'-MONOPHOSPHATE 'C10 H15 N2 O8 P'
K non-polymer 'POTASSIUM ION' 'K 1'
#
# COMPACT_ATOMS: atom_id res chain seq x y z
K K C . 6.40 -1.56 -1.67
K K D . 3.20 -0.69 -0.79
K K E . 0.03 0.02 0.02
K K F . -3.14 0.76 0.77
K K G . -6.48 1.47 1.66
#